data_7C0J
#
_entry.id   7C0J
#
_cell.length_a   31.135
_cell.length_b   47.305
_cell.length_c   57.118
_cell.angle_alpha   90.000
_cell.angle_beta   98.410
_cell.angle_gamma   90.000
#
_symmetry.space_group_name_H-M   'P 1 21 1'
#
loop_
_entity.id
_entity.type
_entity.pdbx_description
1 polymer 'Histone H5,Double-stranded RNA-specific adenosine deaminase'
2 polymer "DNA (5'-D(*TP*CP*GP*CP*GP*CP*G)-3')"
3 water water
#
loop_
_entity_poly.entity_id
_entity_poly.type
_entity_poly.pdbx_seq_one_letter_code
_entity_poly.pdbx_strand_id
1 'polypeptide(L)' GSHMASHPTYSEMIAAAIRAEGEGGGSSRQSIQAYIKSHYKVGHNKKEINRVLYSLLAAGVLKQTKGVPGSWALAK A,B
2 'polydeoxyribonucleotide' (DT)(DC)(DG)(DC)(DG)(DC)(DG) D,E
#
loop_
_chem_comp.id
_chem_comp.type
_chem_comp.name
_chem_comp.formula
DC DNA linking 2'-DEOXYCYTIDINE-5'-MONOPHOSPHATE 'C9 H14 N3 O7 P'
DG DNA linking 2'-DEOXYGUANOSINE-5'-MONOPHOSPHATE 'C10 H14 N5 O7 P'
DT DNA linking THYMIDINE-5'-MONOPHOSPHATE 'C10 H15 N2 O8 P'
#
# COMPACT_ATOMS: atom_id res chain seq x y z
N PRO A 8 -23.41 15.36 8.08
CA PRO A 8 -23.19 14.97 9.48
C PRO A 8 -21.89 14.17 9.63
N THR A 9 -21.88 13.17 10.52
CA THR A 9 -20.68 12.32 10.73
C THR A 9 -20.44 11.46 9.49
N TYR A 10 -19.18 11.09 9.23
CA TYR A 10 -18.82 10.26 8.04
C TYR A 10 -19.57 8.93 8.03
N SER A 11 -19.80 8.32 9.19
CA SER A 11 -20.48 7.00 9.25
C SER A 11 -21.91 7.12 8.75
N GLU A 12 -22.62 8.20 9.11
CA GLU A 12 -24.02 8.39 8.67
C GLU A 12 -24.06 8.72 7.17
N MET A 13 -23.12 9.53 6.68
CA MET A 13 -23.05 9.88 5.24
C MET A 13 -22.78 8.61 4.42
N ILE A 14 -21.91 7.73 4.92
CA ILE A 14 -21.60 6.44 4.22
C ILE A 14 -22.85 5.55 4.29
N ALA A 15 -23.51 5.50 5.45
CA ALA A 15 -24.73 4.68 5.61
C ALA A 15 -25.79 5.13 4.61
N ALA A 16 -25.94 6.45 4.42
CA ALA A 16 -26.93 6.98 3.45
C ALA A 16 -26.54 6.56 2.03
N ALA A 17 -25.24 6.56 1.73
CA ALA A 17 -24.76 6.18 0.38
C ALA A 17 -25.13 4.72 0.10
N ILE A 18 -25.00 3.85 1.10
CA ILE A 18 -25.30 2.40 0.91
C ILE A 18 -26.81 2.20 0.80
N ARG A 19 -27.59 2.85 1.67
CA ARG A 19 -29.04 2.73 1.60
C ARG A 19 -29.57 3.23 0.26
N ALA A 20 -28.87 4.17 -0.38
CA ALA A 20 -29.28 4.69 -1.67
C ALA A 20 -28.49 4.03 -2.80
N GLY A 26 -25.06 -3.63 -2.06
CA GLY A 26 -23.61 -3.62 -2.20
C GLY A 26 -23.10 -2.47 -3.04
N SER A 27 -22.58 -1.44 -2.36
CA SER A 27 -22.05 -0.25 -3.02
C SER A 27 -20.54 -0.21 -2.87
N SER A 28 -19.87 0.24 -3.92
CA SER A 28 -18.42 0.28 -3.96
C SER A 28 -17.90 1.57 -3.33
N ARG A 29 -16.57 1.60 -3.11
CA ARG A 29 -15.93 2.79 -2.58
C ARG A 29 -16.16 3.99 -3.50
N GLN A 30 -16.04 3.77 -4.81
CA GLN A 30 -16.22 4.86 -5.76
C GLN A 30 -17.65 5.40 -5.73
N SER A 31 -18.63 4.50 -5.63
CA SER A 31 -20.02 4.93 -5.51
C SER A 31 -20.23 5.74 -4.24
N ILE A 32 -19.77 5.22 -3.11
CA ILE A 32 -19.91 5.93 -1.83
C ILE A 32 -19.21 7.28 -1.90
N GLN A 33 -18.01 7.32 -2.46
CA GLN A 33 -17.25 8.56 -2.54
C GLN A 33 -17.98 9.60 -3.39
N ALA A 34 -18.63 9.17 -4.47
CA ALA A 34 -19.33 10.10 -5.34
C ALA A 34 -20.66 10.54 -4.74
N TYR A 35 -21.28 9.70 -3.92
CA TYR A 35 -22.53 10.09 -3.27
C TYR A 35 -22.28 11.18 -2.24
N ILE A 36 -21.15 11.13 -1.54
CA ILE A 36 -20.89 12.09 -0.48
C ILE A 36 -20.59 13.46 -1.06
N LYS A 37 -19.81 13.51 -2.14
CA LYS A 37 -19.45 14.81 -2.72
C LYS A 37 -20.66 15.47 -3.38
N SER A 38 -21.48 14.69 -4.10
CA SER A 38 -22.62 15.24 -4.81
C SER A 38 -23.79 15.57 -3.90
N HIS A 39 -23.78 15.09 -2.65
CA HIS A 39 -24.84 15.40 -1.69
C HIS A 39 -24.38 16.31 -0.56
N TYR A 40 -23.14 16.19 -0.12
CA TYR A 40 -22.64 17.00 0.99
C TYR A 40 -21.50 17.90 0.53
N HIS A 44 -12.21 12.40 2.33
CA HIS A 44 -12.33 13.21 1.09
C HIS A 44 -11.59 12.50 -0.05
N ASN A 45 -10.29 12.25 0.11
CA ASN A 45 -9.51 11.54 -0.94
C ASN A 45 -9.76 10.04 -0.81
N LYS A 46 -9.31 9.24 -1.79
CA LYS A 46 -9.59 7.78 -1.78
C LYS A 46 -9.01 7.16 -0.51
N LYS A 47 -7.81 7.58 -0.11
CA LYS A 47 -7.18 7.02 1.12
C LYS A 47 -8.04 7.36 2.34
N GLU A 48 -8.51 8.60 2.45
CA GLU A 48 -9.27 9.01 3.67
C GLU A 48 -10.57 8.21 3.80
N ILE A 49 -11.31 8.08 2.70
CA ILE A 49 -12.62 7.35 2.75
C ILE A 49 -12.35 5.88 3.07
N ASN A 50 -11.27 5.32 2.51
CA ASN A 50 -10.92 3.89 2.75
C ASN A 50 -10.63 3.69 4.23
N ARG A 51 -9.94 4.64 4.87
CA ARG A 51 -9.63 4.50 6.32
C ARG A 51 -10.95 4.42 7.10
N VAL A 52 -11.91 5.29 6.78
CA VAL A 52 -13.23 5.29 7.48
C VAL A 52 -13.95 3.97 7.19
N LEU A 53 -13.91 3.50 5.95
CA LEU A 53 -14.64 2.26 5.56
C LEU A 53 -14.06 1.08 6.34
N TYR A 54 -12.72 1.03 6.47
CA TYR A 54 -12.06 -0.12 7.16
C TYR A 54 -12.21 0.04 8.67
N SER A 55 -12.29 1.28 9.18
CA SER A 55 -12.54 1.46 10.60
C SER A 55 -13.92 0.93 10.99
N LEU A 56 -14.93 1.22 10.16
CA LEU A 56 -16.26 0.69 10.42
C LEU A 56 -16.32 -0.82 10.24
N LEU A 57 -15.55 -1.35 9.29
CA LEU A 57 -15.48 -2.80 9.13
C LEU A 57 -14.86 -3.45 10.36
N ALA A 58 -13.82 -2.84 10.93
CA ALA A 58 -13.22 -3.38 12.14
C ALA A 58 -14.17 -3.32 13.33
N ALA A 59 -15.10 -2.36 13.33
CA ALA A 59 -16.02 -2.18 14.44
C ALA A 59 -17.33 -2.95 14.27
N GLY A 60 -17.55 -3.56 13.12
CA GLY A 60 -18.75 -4.35 12.90
C GLY A 60 -19.90 -3.61 12.26
N VAL A 61 -19.69 -2.38 11.79
CA VAL A 61 -20.77 -1.63 11.17
C VAL A 61 -20.96 -2.01 9.71
N LEU A 62 -19.88 -2.33 9.00
CA LEU A 62 -19.93 -2.64 7.59
C LEU A 62 -19.43 -4.06 7.34
N LYS A 63 -19.69 -4.55 6.12
CA LYS A 63 -19.20 -5.85 5.68
C LYS A 63 -18.68 -5.72 4.26
N GLN A 64 -17.61 -6.47 3.96
CA GLN A 64 -17.09 -6.57 2.61
C GLN A 64 -17.69 -7.78 1.90
N THR A 65 -17.86 -7.65 0.59
CA THR A 65 -18.37 -8.75 -0.22
C THR A 65 -17.33 -9.16 -1.27
N GLY A 67 -14.16 -7.67 -2.22
CA GLY A 67 -13.51 -8.15 -3.42
C GLY A 67 -12.77 -7.07 -4.18
N VAL A 68 -12.65 -7.24 -5.49
CA VAL A 68 -11.96 -6.30 -6.37
C VAL A 68 -12.93 -5.85 -7.46
N PRO A 69 -13.44 -4.61 -7.38
CA PRO A 69 -13.15 -3.63 -6.32
C PRO A 69 -13.91 -3.89 -5.02
N GLY A 70 -13.45 -3.27 -3.94
CA GLY A 70 -14.10 -3.43 -2.65
C GLY A 70 -15.54 -2.97 -2.64
N SER A 71 -16.46 -3.90 -2.41
CA SER A 71 -17.88 -3.59 -2.28
C SER A 71 -18.27 -3.59 -0.82
N TRP A 72 -19.05 -2.59 -0.42
CA TRP A 72 -19.39 -2.36 0.98
C TRP A 72 -20.90 -2.40 1.17
N ALA A 73 -21.32 -2.91 2.32
CA ALA A 73 -22.74 -2.95 2.68
C ALA A 73 -22.86 -2.83 4.18
N LEU A 74 -24.03 -2.38 4.63
CA LEU A 74 -24.32 -2.28 6.04
C LEU A 74 -24.55 -3.67 6.63
N ALA A 75 -24.01 -3.89 7.82
CA ALA A 75 -24.19 -5.17 8.51
C ALA A 75 -25.50 -5.20 9.29
N PRO B 8 26.12 8.11 -4.38
CA PRO B 8 25.83 7.18 -5.48
C PRO B 8 24.33 6.95 -5.63
N THR B 9 23.90 6.54 -6.83
CA THR B 9 22.48 6.39 -7.09
C THR B 9 21.90 5.21 -6.30
N TYR B 10 20.57 5.23 -6.17
CA TYR B 10 19.88 4.19 -5.40
C TYR B 10 20.15 2.80 -5.95
N SER B 11 20.20 2.68 -7.28
CA SER B 11 20.53 1.38 -7.88
C SER B 11 21.93 0.93 -7.48
N GLU B 12 22.87 1.86 -7.41
CA GLU B 12 24.24 1.51 -7.02
C GLU B 12 24.29 1.13 -5.53
N MET B 13 23.55 1.83 -4.68
CA MET B 13 23.54 1.49 -3.26
C MET B 13 22.85 0.15 -3.02
N ILE B 14 21.75 -0.10 -3.72
CA ILE B 14 21.01 -1.34 -3.53
C ILE B 14 21.85 -2.53 -3.99
N ALA B 15 22.47 -2.42 -5.17
CA ALA B 15 23.33 -3.49 -5.66
C ALA B 15 24.44 -3.76 -4.66
N ALA B 16 25.08 -2.70 -4.15
CA ALA B 16 26.16 -2.87 -3.19
C ALA B 16 25.67 -3.58 -1.93
N ALA B 17 24.44 -3.26 -1.49
CA ALA B 17 23.88 -3.94 -0.33
C ALA B 17 23.64 -5.42 -0.60
N ILE B 18 23.23 -5.76 -1.82
CA ILE B 18 22.91 -7.14 -2.14
C ILE B 18 24.17 -8.00 -2.19
N ARG B 19 25.26 -7.44 -2.70
CA ARG B 19 26.50 -8.21 -2.81
C ARG B 19 27.11 -8.49 -1.44
N ALA B 20 27.03 -7.53 -0.52
CA ALA B 20 27.61 -7.71 0.81
C ALA B 20 26.92 -8.78 1.61
N GLU B 21 25.72 -9.21 1.22
CA GLU B 21 24.99 -10.24 1.94
C GLU B 21 25.77 -11.56 1.90
N GLY B 22 25.78 -12.25 3.03
CA GLY B 22 26.42 -13.55 3.12
C GLY B 22 25.43 -14.71 3.00
N GLY B 26 19.11 -12.94 -2.09
CA GLY B 26 19.09 -13.40 -0.72
C GLY B 26 19.04 -12.28 0.30
N SER B 27 18.69 -11.08 -0.15
CA SER B 27 18.61 -9.90 0.72
C SER B 27 17.17 -9.44 0.84
N SER B 28 16.77 -9.07 2.05
CA SER B 28 15.45 -8.53 2.32
C SER B 28 15.45 -7.01 2.23
N ARG B 29 14.25 -6.44 2.19
CA ARG B 29 14.12 -4.99 2.13
C ARG B 29 14.73 -4.33 3.37
N GLN B 30 14.50 -4.93 4.55
CA GLN B 30 15.10 -4.39 5.77
C GLN B 30 16.62 -4.54 5.75
N SER B 31 17.12 -5.65 5.20
CA SER B 31 18.56 -5.81 5.04
C SER B 31 19.14 -4.70 4.18
N ILE B 32 18.56 -4.50 2.99
CA ILE B 32 19.02 -3.45 2.09
C ILE B 32 18.86 -2.09 2.73
N GLN B 33 17.76 -1.90 3.48
CA GLN B 33 17.52 -0.61 4.13
C GLN B 33 18.56 -0.34 5.21
N ALA B 34 18.86 -1.34 6.04
CA ALA B 34 19.80 -1.14 7.14
C ALA B 34 21.22 -0.90 6.62
N TYR B 35 21.62 -1.65 5.57
CA TYR B 35 22.95 -1.45 5.00
C TYR B 35 23.12 -0.04 4.47
N ILE B 36 22.11 0.44 3.74
CA ILE B 36 22.18 1.79 3.17
C ILE B 36 22.22 2.83 4.29
N LYS B 37 21.36 2.67 5.29
CA LYS B 37 21.23 3.66 6.36
C LYS B 37 22.46 3.72 7.26
N SER B 38 23.36 2.75 7.22
CA SER B 38 24.58 2.80 8.00
C SER B 38 25.84 2.96 7.15
N HIS B 39 25.73 2.85 5.83
CA HIS B 39 26.84 3.12 4.93
C HIS B 39 26.72 4.47 4.24
N TYR B 40 25.49 4.94 3.98
CA TYR B 40 25.27 6.26 3.41
C TYR B 40 24.27 7.10 4.19
N LYS B 41 23.51 6.51 5.11
CA LYS B 41 22.54 7.22 5.94
C LYS B 41 21.46 7.90 5.09
N VAL B 42 21.03 7.22 4.03
CA VAL B 42 19.90 7.68 3.24
C VAL B 42 18.87 6.55 3.18
N ASN B 45 13.10 6.20 3.04
CA ASN B 45 12.23 5.39 3.90
C ASN B 45 11.72 4.16 3.14
N LYS B 46 10.74 3.49 3.74
CA LYS B 46 10.25 2.22 3.19
C LYS B 46 9.67 2.40 1.79
N LYS B 47 8.89 3.47 1.58
CA LYS B 47 8.27 3.66 0.28
C LYS B 47 9.29 3.97 -0.80
N GLU B 48 10.31 4.77 -0.47
CA GLU B 48 11.31 5.14 -1.46
C GLU B 48 12.15 3.94 -1.89
N ILE B 49 12.49 3.07 -0.93
CA ILE B 49 13.24 1.86 -1.27
C ILE B 49 12.40 0.94 -2.15
N ASN B 50 11.17 0.64 -1.70
CA ASN B 50 10.31 -0.26 -2.47
C ASN B 50 9.98 0.29 -3.85
N ARG B 51 9.90 1.62 -3.98
CA ARG B 51 9.73 2.21 -5.31
C ARG B 51 10.86 1.80 -6.24
N VAL B 52 12.10 1.88 -5.75
CA VAL B 52 13.25 1.58 -6.59
C VAL B 52 13.41 0.08 -6.80
N LEU B 53 13.23 -0.72 -5.74
CA LEU B 53 13.37 -2.16 -5.86
C LEU B 53 12.41 -2.72 -6.90
N TYR B 54 11.14 -2.30 -6.83
CA TYR B 54 10.14 -2.81 -7.78
C TYR B 54 10.30 -2.21 -9.17
N SER B 55 10.90 -1.02 -9.27
CA SER B 55 11.24 -0.48 -10.59
C SER B 55 12.37 -1.28 -11.22
N LEU B 56 13.43 -1.55 -10.46
CA LEU B 56 14.51 -2.38 -10.95
C LEU B 56 14.05 -3.82 -11.20
N LEU B 57 12.98 -4.26 -10.55
CA LEU B 57 12.39 -5.54 -10.89
C LEU B 57 11.76 -5.49 -12.27
N ALA B 58 11.12 -4.36 -12.61
CA ALA B 58 10.45 -4.24 -13.89
C ALA B 58 11.45 -4.19 -15.04
N ALA B 59 12.59 -3.54 -14.83
CA ALA B 59 13.61 -3.42 -15.87
C ALA B 59 14.54 -4.63 -15.94
N GLY B 60 14.33 -5.64 -15.10
CA GLY B 60 15.15 -6.83 -15.15
C GLY B 60 16.48 -6.71 -14.43
N VAL B 61 16.68 -5.69 -13.62
CA VAL B 61 17.92 -5.58 -12.85
C VAL B 61 17.88 -6.51 -11.64
N LEU B 62 16.71 -6.73 -11.07
CA LEU B 62 16.55 -7.54 -9.87
C LEU B 62 15.55 -8.67 -10.11
N LYS B 63 15.55 -9.63 -9.19
CA LYS B 63 14.59 -10.71 -9.22
C LYS B 63 14.09 -10.98 -7.80
N GLN B 64 12.83 -11.37 -7.70
CA GLN B 64 12.26 -11.81 -6.43
C GLN B 64 12.52 -13.30 -6.24
N THR B 65 12.57 -13.73 -4.98
CA THR B 65 12.85 -15.12 -4.67
C THR B 65 11.79 -15.73 -3.76
N GLY B 67 8.26 -14.04 -1.65
CA GLY B 67 7.57 -14.44 -0.44
C GLY B 67 7.03 -13.28 0.36
N VAL B 68 7.14 -13.37 1.68
CA VAL B 68 6.75 -12.27 2.56
C VAL B 68 7.92 -11.90 3.45
N PRO B 69 8.48 -10.69 3.31
CA PRO B 69 8.06 -9.70 2.33
C PRO B 69 8.65 -9.97 0.94
N GLY B 70 9.51 -10.96 0.87
CA GLY B 70 10.22 -11.28 -0.35
C GLY B 70 11.67 -10.85 -0.27
N SER B 71 12.54 -11.65 -0.87
CA SER B 71 13.97 -11.39 -0.88
C SER B 71 14.41 -10.95 -2.27
N TRP B 72 15.40 -10.06 -2.31
CA TRP B 72 15.86 -9.43 -3.54
C TRP B 72 17.25 -9.91 -3.90
N ALA B 73 17.53 -9.94 -5.20
CA ALA B 73 18.81 -10.40 -5.70
C ALA B 73 19.05 -9.85 -7.10
N LEU B 74 20.31 -9.65 -7.44
CA LEU B 74 20.69 -9.16 -8.76
C LEU B 74 20.37 -10.21 -9.84
N ALA B 75 20.15 -9.73 -11.05
CA ALA B 75 19.82 -10.60 -12.17
C ALA B 75 21.00 -10.77 -13.12
#